data_2FRG
#
_entry.id   2FRG
#
_cell.length_a   47.095
_cell.length_b   79.981
_cell.length_c   25.780
_cell.angle_alpha   90.00
_cell.angle_beta   90.00
_cell.angle_gamma   90.00
#
_symmetry.space_group_name_H-M   'P 21 21 2'
#
loop_
_entity.id
_entity.type
_entity.pdbx_description
1 polymer 'trem-like transcript-1'
2 water water
#
_entity_poly.entity_id   1
_entity_poly.type   'polypeptide(L)'
_entity_poly.pdbx_seq_one_letter_code
;GSLPEVLQAPVGSSILVQCHYRLQDVKAQKVWCRFLPEGCQPLVSSAVDRRAPAGRRTFLTDLGGGLLQVEMVTLQEEDA
GEYGCMVDGARGPQILHRVSLNILPP
;
_entity_poly.pdbx_strand_id   P
#
# COMPACT_ATOMS: atom_id res chain seq x y z
N GLY A 1 -5.68 2.43 15.24
CA GLY A 1 -5.14 2.15 16.59
C GLY A 1 -3.63 1.99 16.63
N SER A 2 -3.20 1.09 17.48
CA SER A 2 -1.79 0.96 17.84
C SER A 2 -1.01 0.10 16.86
N LEU A 3 -1.68 -0.85 16.20
CA LEU A 3 -1.00 -1.86 15.40
C LEU A 3 -1.25 -1.61 13.92
N PRO A 4 -0.37 -2.13 13.04
CA PRO A 4 -0.68 -2.15 11.61
C PRO A 4 -1.74 -3.22 11.35
N GLU A 5 -2.25 -3.27 10.13
CA GLU A 5 -2.93 -4.45 9.64
C GLU A 5 -1.89 -5.56 9.62
N VAL A 6 -2.26 -6.73 10.16
CA VAL A 6 -1.32 -7.83 10.30
C VAL A 6 -1.79 -8.98 9.42
N LEU A 7 -0.94 -9.37 8.45
CA LEU A 7 -1.25 -10.41 7.48
C LEU A 7 -0.26 -11.52 7.55
N GLN A 8 -0.76 -12.73 7.33
CA GLN A 8 0.04 -13.95 7.17
C GLN A 8 -0.32 -14.60 5.85
N ALA A 9 0.68 -14.90 5.02
CA ALA A 9 0.42 -15.50 3.71
C ALA A 9 1.53 -16.44 3.33
N PRO A 10 1.18 -17.62 2.76
CA PRO A 10 2.24 -18.45 2.20
C PRO A 10 2.73 -17.88 0.89
N VAL A 11 3.92 -18.31 0.48
CA VAL A 11 4.43 -17.96 -0.83
C VAL A 11 3.41 -18.42 -1.88
N GLY A 12 3.18 -17.56 -2.86
CA GLY A 12 2.25 -17.86 -3.96
C GLY A 12 0.84 -17.35 -3.75
N SER A 13 0.54 -16.87 -2.55
CA SER A 13 -0.80 -16.38 -2.31
C SER A 13 -0.93 -14.93 -2.71
N SER A 14 -2.18 -14.46 -2.73
CA SER A 14 -2.47 -13.09 -3.11
C SER A 14 -3.29 -12.42 -2.03
N ILE A 15 -3.16 -11.10 -1.94
CA ILE A 15 -3.87 -10.32 -0.93
C ILE A 15 -4.48 -9.07 -1.58
N LEU A 16 -5.57 -8.62 -0.98
CA LEU A 16 -6.19 -7.32 -1.28
C LEU A 16 -6.23 -6.49 -0.02
N VAL A 17 -5.71 -5.26 -0.10
CA VAL A 17 -5.68 -4.33 1.03
C VAL A 17 -6.40 -3.06 0.58
N GLN A 18 -7.17 -2.47 1.48
CA GLN A 18 -7.87 -1.22 1.16
C GLN A 18 -7.39 -0.16 2.13
N CYS A 19 -6.92 0.92 1.54
CA CYS A 19 -6.57 2.10 2.29
C CYS A 19 -7.64 3.14 2.00
N HIS A 20 -7.83 4.09 2.90
CA HIS A 20 -8.93 5.03 2.79
C HIS A 20 -8.37 6.43 3.01
N TYR A 21 -8.84 7.37 2.20
CA TYR A 21 -8.41 8.74 2.33
C TYR A 21 -9.63 9.66 2.32
N ARG A 22 -9.42 10.92 2.72
CA ARG A 22 -10.52 11.88 2.85
C ARG A 22 -11.00 12.36 1.48
N LEU A 23 -12.30 12.64 1.37
CA LEU A 23 -12.85 13.12 0.10
C LEU A 23 -12.18 14.40 -0.39
N GLN A 24 -11.75 15.23 0.55
CA GLN A 24 -11.02 16.46 0.27
C GLN A 24 -9.73 16.20 -0.53
N ASP A 25 -9.25 14.96 -0.48
CA ASP A 25 -7.96 14.59 -1.03
C ASP A 25 -8.02 13.74 -2.32
N VAL A 26 -9.17 13.72 -2.99
CA VAL A 26 -9.25 12.98 -4.25
C VAL A 26 -8.18 13.40 -5.26
N LYS A 27 -7.91 14.70 -5.34
CA LYS A 27 -6.96 15.22 -6.34
C LYS A 27 -5.49 15.00 -5.97
N ALA A 28 -5.22 14.71 -4.71
CA ALA A 28 -3.84 14.49 -4.27
C ALA A 28 -3.33 13.15 -4.76
N GLN A 29 -2.03 13.04 -5.03
CA GLN A 29 -1.46 11.71 -5.22
C GLN A 29 -1.37 10.98 -3.89
N LYS A 30 -1.55 9.68 -3.97
CA LYS A 30 -1.31 8.79 -2.85
C LYS A 30 -0.16 7.90 -3.22
N VAL A 31 0.46 7.27 -2.22
CA VAL A 31 1.69 6.52 -2.43
C VAL A 31 1.63 5.22 -1.63
N TRP A 32 2.13 4.15 -2.24
CA TRP A 32 2.42 2.89 -1.53
C TRP A 32 3.92 2.86 -1.31
N CYS A 33 4.31 2.65 -0.07
CA CYS A 33 5.71 2.70 0.30
C CYS A 33 6.09 1.54 1.18
N ARG A 34 7.38 1.23 1.19
CA ARG A 34 7.91 0.15 2.04
C ARG A 34 8.75 0.72 3.15
N PHE A 35 8.46 0.32 4.39
CA PHE A 35 9.26 0.78 5.53
C PHE A 35 10.63 0.12 5.53
N LEU A 36 11.64 0.94 5.41
CA LEU A 36 13.03 0.51 5.39
C LEU A 36 13.76 1.32 6.48
N PRO A 37 15.01 0.98 6.82
CA PRO A 37 15.68 1.71 7.92
C PRO A 37 15.67 3.24 7.79
N GLU A 38 15.71 3.76 6.56
CA GLU A 38 15.71 5.21 6.37
C GLU A 38 14.33 5.89 6.51
N GLY A 39 13.26 5.16 6.20
CA GLY A 39 11.93 5.74 6.11
C GLY A 39 11.07 4.88 5.21
N CYS A 40 9.85 5.33 4.98
CA CYS A 40 8.92 4.61 4.12
C CYS A 40 9.23 4.99 2.68
N GLN A 41 9.90 4.08 2.00
CA GLN A 41 10.42 4.31 0.64
C GLN A 41 9.28 4.24 -0.37
N PRO A 42 9.00 5.35 -1.10
CA PRO A 42 7.93 5.29 -2.08
C PRO A 42 8.18 4.27 -3.20
N LEU A 43 7.19 3.45 -3.49
CA LEU A 43 7.28 2.46 -4.57
C LEU A 43 6.46 2.86 -5.78
N VAL A 44 5.28 3.46 -5.57
CA VAL A 44 4.45 3.92 -6.67
C VAL A 44 3.48 4.97 -6.17
N SER A 45 3.15 5.91 -7.03
CA SER A 45 2.10 6.87 -6.72
C SER A 45 0.84 6.58 -7.55
N SER A 46 -0.27 7.12 -7.10
CA SER A 46 -1.57 6.82 -7.66
C SER A 46 -2.04 7.80 -8.70
N ALA A 47 -3.00 7.35 -9.49
CA ALA A 47 -3.76 8.20 -10.42
C ALA A 47 -5.16 7.66 -10.47
N VAL A 48 -6.16 8.56 -10.47
CA VAL A 48 -7.54 8.12 -10.35
C VAL A 48 -7.93 7.19 -11.50
N ASP A 49 -8.44 6.03 -11.10
CA ASP A 49 -8.93 4.94 -11.97
C ASP A 49 -7.86 4.14 -12.65
N ARG A 50 -6.59 4.45 -12.37
CA ARG A 50 -5.50 3.75 -13.01
C ARG A 50 -4.90 2.72 -12.07
N ARG A 51 -4.63 1.54 -12.62
CA ARG A 51 -3.95 0.50 -11.86
C ARG A 51 -2.46 0.74 -12.03
N ALA A 52 -1.82 1.24 -10.99
CA ALA A 52 -0.43 1.68 -11.05
C ALA A 52 0.50 0.59 -10.49
N PRO A 53 1.42 0.07 -11.32
CA PRO A 53 2.28 -1.00 -10.83
C PRO A 53 3.47 -0.53 -9.98
N ALA A 54 3.74 -1.31 -8.95
CA ALA A 54 5.04 -1.28 -8.31
C ALA A 54 5.65 -2.67 -8.51
N GLY A 55 6.95 -2.73 -8.79
CA GLY A 55 7.60 -4.01 -9.00
C GLY A 55 6.86 -4.84 -10.03
N ARG A 56 6.69 -6.13 -9.76
CA ARG A 56 6.04 -7.05 -10.70
C ARG A 56 4.71 -7.58 -10.16
N ARG A 57 4.50 -7.40 -8.86
CA ARG A 57 3.41 -8.09 -8.22
C ARG A 57 2.50 -7.22 -7.37
N THR A 58 2.74 -5.91 -7.37
CA THR A 58 1.98 -4.99 -6.55
C THR A 58 1.36 -3.93 -7.44
N PHE A 59 0.13 -3.59 -7.11
CA PHE A 59 -0.63 -2.60 -7.88
C PHE A 59 -1.41 -1.72 -6.93
N LEU A 60 -1.42 -0.43 -7.23
CA LEU A 60 -2.11 0.59 -6.47
C LEU A 60 -3.15 1.28 -7.33
N THR A 61 -4.43 1.19 -6.95
CA THR A 61 -5.50 1.80 -7.73
C THR A 61 -6.33 2.74 -6.88
N ASP A 62 -6.30 4.04 -7.19
CA ASP A 62 -7.19 5.00 -6.55
C ASP A 62 -8.52 4.94 -7.30
N LEU A 63 -9.56 4.43 -6.66
CA LEU A 63 -10.87 4.33 -7.31
C LEU A 63 -11.60 5.63 -7.36
N GLY A 64 -11.06 6.63 -6.65
CA GLY A 64 -11.84 7.82 -6.38
C GLY A 64 -12.66 7.63 -5.12
N GLY A 65 -13.32 8.69 -4.69
CA GLY A 65 -14.23 8.59 -3.59
C GLY A 65 -13.68 8.14 -2.26
N GLY A 66 -12.34 8.14 -2.11
CA GLY A 66 -11.75 7.77 -0.83
C GLY A 66 -11.18 6.37 -0.76
N LEU A 67 -11.34 5.55 -1.79
CA LEU A 67 -10.81 4.19 -1.80
C LEU A 67 -9.51 4.08 -2.57
N LEU A 68 -8.48 3.58 -1.88
CA LEU A 68 -7.20 3.23 -2.45
C LEU A 68 -6.99 1.72 -2.34
N GLN A 69 -7.19 1.02 -3.45
CA GLN A 69 -7.06 -0.42 -3.51
C GLN A 69 -5.61 -0.84 -3.73
N VAL A 70 -5.12 -1.75 -2.91
CA VAL A 70 -3.82 -2.35 -3.09
C VAL A 70 -4.01 -3.83 -3.41
N GLU A 71 -3.22 -4.31 -4.36
CA GLU A 71 -3.16 -5.74 -4.69
C GLU A 71 -1.72 -6.18 -4.60
N MET A 72 -1.48 -7.29 -3.92
CA MET A 72 -0.18 -7.93 -4.00
C MET A 72 -0.43 -9.37 -4.36
N VAL A 73 0.13 -9.77 -5.49
CA VAL A 73 -0.24 -11.01 -6.12
C VAL A 73 0.92 -11.98 -6.12
N THR A 74 0.57 -13.26 -5.98
CA THR A 74 1.56 -14.34 -6.02
C THR A 74 2.84 -14.00 -5.22
N LEU A 75 2.63 -13.85 -3.91
CA LEU A 75 3.65 -13.33 -3.02
C LEU A 75 4.92 -14.16 -3.00
N GLN A 76 6.05 -13.46 -2.88
CA GLN A 76 7.34 -14.10 -2.81
C GLN A 76 7.95 -13.83 -1.43
N GLU A 77 8.90 -14.66 -1.02
CA GLU A 77 9.51 -14.55 0.30
C GLU A 77 10.02 -13.14 0.60
N GLU A 78 10.62 -12.53 -0.41
CA GLU A 78 11.26 -11.24 -0.23
C GLU A 78 10.26 -10.11 -0.06
N ASP A 79 8.97 -10.38 -0.27
CA ASP A 79 7.93 -9.37 -0.06
C ASP A 79 7.62 -9.13 1.41
N ALA A 80 8.07 -10.02 2.30
CA ALA A 80 7.82 -9.85 3.73
C ALA A 80 8.36 -8.51 4.22
N GLY A 81 7.60 -7.82 5.04
CA GLY A 81 8.02 -6.53 5.58
C GLY A 81 6.79 -5.73 5.90
N GLU A 82 7.00 -4.45 6.18
CA GLU A 82 5.90 -3.56 6.50
C GLU A 82 5.85 -2.44 5.46
N TYR A 83 4.62 -2.05 5.12
CA TYR A 83 4.32 -1.13 4.05
C TYR A 83 3.37 -0.06 4.56
N GLY A 84 3.31 1.08 3.85
CA GLY A 84 2.36 2.12 4.18
C GLY A 84 1.64 2.60 2.94
N CYS A 85 0.42 3.06 3.16
CA CYS A 85 -0.31 3.95 2.24
C CYS A 85 -0.20 5.34 2.80
N MET A 86 0.18 6.27 1.92
CA MET A 86 0.29 7.68 2.29
C MET A 86 -0.53 8.55 1.36
N VAL A 87 -1.02 9.67 1.88
CA VAL A 87 -1.56 10.73 1.05
C VAL A 87 -0.55 11.86 1.03
N ASP A 88 -0.35 12.44 -0.16
CA ASP A 88 0.71 13.41 -0.35
C ASP A 88 0.18 14.66 -1.05
N GLY A 89 -0.77 15.34 -0.44
CA GLY A 89 -1.36 16.52 -1.07
C GLY A 89 -0.88 17.82 -0.46
N ALA A 90 -1.59 18.90 -0.77
CA ALA A 90 -1.08 20.22 -0.48
C ALA A 90 -1.00 20.55 1.01
N ARG A 91 -1.76 19.86 1.88
CA ARG A 91 -1.66 20.12 3.32
C ARG A 91 -0.63 19.26 4.03
N GLY A 92 0.20 18.53 3.27
CA GLY A 92 1.30 17.80 3.87
C GLY A 92 0.98 16.31 3.94
N PRO A 93 2.02 15.50 4.01
CA PRO A 93 1.83 14.05 3.89
C PRO A 93 1.32 13.41 5.18
N GLN A 94 0.54 12.36 5.02
CA GLN A 94 0.02 11.58 6.15
C GLN A 94 0.10 10.10 5.82
N ILE A 95 0.36 9.30 6.84
CA ILE A 95 0.27 7.87 6.70
C ILE A 95 -1.17 7.47 6.98
N LEU A 96 -1.81 6.90 5.97
CA LEU A 96 -3.19 6.45 6.05
C LEU A 96 -3.34 5.12 6.77
N HIS A 97 -2.39 4.22 6.58
CA HIS A 97 -2.55 2.82 6.98
C HIS A 97 -1.20 2.14 6.87
N ARG A 98 -0.92 1.21 7.78
CA ARG A 98 0.28 0.40 7.72
C ARG A 98 -0.14 -1.07 7.55
N VAL A 99 0.69 -1.85 6.86
CA VAL A 99 0.42 -3.26 6.60
C VAL A 99 1.67 -4.06 6.91
N SER A 100 1.57 -4.95 7.90
CA SER A 100 2.65 -5.86 8.20
C SER A 100 2.41 -7.18 7.48
N LEU A 101 3.29 -7.55 6.55
CA LEU A 101 3.12 -8.74 5.73
C LEU A 101 4.15 -9.76 6.15
N ASN A 102 3.65 -10.87 6.67
CA ASN A 102 4.45 -11.95 7.16
C ASN A 102 4.29 -13.13 6.20
N ILE A 103 5.40 -13.62 5.65
CA ILE A 103 5.37 -14.76 4.73
C ILE A 103 5.64 -16.04 5.50
N LEU A 104 4.69 -16.97 5.44
CA LEU A 104 4.75 -18.19 6.24
C LEU A 104 5.87 -19.12 5.75
N PRO A 105 6.53 -19.83 6.69
CA PRO A 105 7.54 -20.83 6.33
C PRO A 105 6.93 -21.96 5.51
N PRO A 106 7.77 -22.75 4.79
CA PRO A 106 7.21 -23.83 3.99
C PRO A 106 6.55 -24.90 4.85
#